data_6LRA
#
_entry.id   6LRA
#
_cell.length_a   59.650
_cell.length_b   70.680
_cell.length_c   118.370
_cell.angle_alpha   90.00
_cell.angle_beta   90.00
_cell.angle_gamma   90.00
#
_symmetry.space_group_name_H-M   'P 21 21 21'
#
loop_
_entity.id
_entity.type
_entity.pdbx_description
1 polymer 'Fab Heavy Chain'
2 polymer 'Fab Light Chain'
3 polymer VQIINK
4 water water
#
loop_
_entity_poly.entity_id
_entity_poly.type
_entity_poly.pdbx_seq_one_letter_code
_entity_poly.pdbx_strand_id
1 'polypeptide(L)'
;QVQLQQSGAALVRPGTSVKVSCRASEYAFTNYVIEWVKQRPGQGLEWIGVINPGSGGTNYNEKFKGKATLIADKSSSTAY
MQLSSLTSDDSAVYFCARSTYYSGALDYWGQGTSVTVSSAKTTAPSVYPLAPVCGDTTGSSVTLGCLVKGYFPEPVTLTW
NSGSLSSGVHTFPAVLQSDLYTLSSSVTVTSSTWPSQSITCNVAHPASSTKVDKKIEP
;
H
2 'polypeptide(L)'
;QLVLTQSSSASFSLGASAKLTCTLSSQHSTYTIEWYQQQPLKPPKYVMELKKDGSHSTGDGIPDRFSGSSSGADRYLSIS
NIQPEDEAIYICGVGDTIKEQFVYVFGGGTKVTVLGQPKSTPTLTVFPPSSEELKENKATLVCLISNFSPSGVTVAWKAN
GTPITQGVDTSNPTKEGNKFMASSFLHLTSDQWRSHNSFTCQVTHEGDTVEKSLSPAECL
;
L
3 'polypeptide(L)' VQIINK C
#
# COMPACT_ATOMS: atom_id res chain seq x y z
N GLN A 1 -4.61 -2.97 26.25
CA GLN A 1 -4.85 -2.54 24.83
C GLN A 1 -5.84 -3.50 24.15
N VAL A 2 -7.05 -3.02 23.88
CA VAL A 2 -8.01 -3.64 22.91
C VAL A 2 -7.23 -4.06 21.66
N GLN A 3 -7.40 -5.29 21.23
CA GLN A 3 -6.78 -5.78 19.97
C GLN A 3 -7.77 -6.70 19.27
N LEU A 4 -7.82 -6.57 17.94
CA LEU A 4 -8.48 -7.52 17.00
C LEU A 4 -7.39 -8.12 16.12
N GLN A 5 -7.17 -9.42 16.20
CA GLN A 5 -6.06 -10.11 15.49
C GLN A 5 -6.67 -10.94 14.38
N GLN A 6 -6.47 -10.52 13.14
CA GLN A 6 -7.01 -11.23 11.96
C GLN A 6 -6.02 -12.27 11.48
N SER A 7 -6.56 -13.28 10.80
CA SER A 7 -5.81 -14.37 10.12
C SER A 7 -4.95 -13.80 8.99
N GLY A 8 -3.96 -14.58 8.52
CA GLY A 8 -2.93 -14.13 7.56
C GLY A 8 -3.43 -14.09 6.13
N ALA A 9 -2.65 -13.46 5.25
CA ALA A 9 -2.90 -13.36 3.79
C ALA A 9 -3.34 -14.71 3.21
N ALA A 10 -4.30 -14.65 2.30
CA ALA A 10 -4.93 -15.78 1.58
C ALA A 10 -4.71 -15.60 0.08
N LEU A 11 -4.18 -16.61 -0.59
CA LEU A 11 -4.13 -16.66 -2.06
C LEU A 11 -5.00 -17.83 -2.50
N VAL A 12 -6.11 -17.58 -3.19
CA VAL A 12 -7.08 -18.68 -3.48
C VAL A 12 -7.54 -18.62 -4.94
N ARG A 13 -8.14 -19.71 -5.44
CA ARG A 13 -8.54 -19.83 -6.86
C ARG A 13 -9.96 -19.31 -6.99
N PRO A 14 -10.39 -18.85 -8.19
CA PRO A 14 -11.76 -18.38 -8.37
C PRO A 14 -12.71 -19.57 -8.20
N GLY A 15 -13.96 -19.30 -7.84
CA GLY A 15 -15.04 -20.30 -7.68
C GLY A 15 -14.98 -20.95 -6.30
N THR A 16 -13.95 -20.62 -5.52
CA THR A 16 -13.64 -21.23 -4.20
C THR A 16 -14.26 -20.35 -3.10
N SER A 17 -14.02 -20.66 -1.81
CA SER A 17 -14.50 -19.86 -0.66
C SER A 17 -13.37 -19.77 0.38
N VAL A 18 -13.36 -18.71 1.16
CA VAL A 18 -12.29 -18.40 2.14
C VAL A 18 -12.99 -18.00 3.45
N LYS A 19 -12.40 -18.36 4.59
CA LYS A 19 -12.86 -17.92 5.93
C LYS A 19 -11.75 -17.10 6.57
N VAL A 20 -12.00 -15.81 6.83
CA VAL A 20 -11.12 -14.88 7.60
C VAL A 20 -11.54 -14.90 9.08
N SER A 21 -10.60 -14.82 10.01
CA SER A 21 -10.94 -14.83 11.45
C SER A 21 -10.52 -13.51 12.07
N CYS A 22 -11.16 -13.17 13.18
CA CYS A 22 -10.97 -11.89 13.90
C CYS A 22 -11.10 -12.20 15.38
N ARG A 23 -9.97 -12.33 16.06
CA ARG A 23 -9.91 -12.73 17.50
C ARG A 23 -9.78 -11.47 18.34
N ALA A 24 -10.74 -11.25 19.25
CA ALA A 24 -10.77 -10.09 20.15
C ALA A 24 -9.97 -10.42 21.42
N SER A 25 -9.20 -9.46 21.92
CA SER A 25 -8.61 -9.62 23.28
C SER A 25 -8.62 -8.29 24.01
N GLU A 26 -8.70 -8.36 25.34
CA GLU A 26 -8.53 -7.21 26.25
C GLU A 26 -9.80 -6.36 26.32
N TYR A 27 -10.97 -6.89 25.97
CA TYR A 27 -12.25 -6.13 26.13
C TYR A 27 -13.37 -7.17 26.18
N ALA A 28 -14.55 -6.78 26.66
CA ALA A 28 -15.70 -7.69 26.83
C ALA A 28 -16.33 -7.94 25.46
N PHE A 29 -16.04 -9.10 24.88
CA PHE A 29 -16.43 -9.45 23.50
C PHE A 29 -17.93 -9.18 23.28
N THR A 30 -18.78 -9.57 24.22
CA THR A 30 -20.24 -9.59 24.02
C THR A 30 -20.87 -8.28 24.50
N ASN A 31 -20.06 -7.25 24.80
CA ASN A 31 -20.56 -5.91 25.15
C ASN A 31 -20.47 -5.00 23.92
N TYR A 32 -19.97 -5.55 22.82
CA TYR A 32 -19.69 -4.81 21.57
C TYR A 32 -20.08 -5.72 20.41
N VAL A 33 -20.05 -5.17 19.20
CA VAL A 33 -20.34 -5.93 17.95
C VAL A 33 -19.04 -6.01 17.17
N ILE A 34 -19.04 -6.80 16.10
CA ILE A 34 -17.95 -6.85 15.10
C ILE A 34 -18.53 -6.50 13.72
N GLU A 35 -17.90 -5.55 13.02
CA GLU A 35 -18.27 -5.19 11.63
C GLU A 35 -17.11 -5.52 10.72
N TRP A 36 -17.40 -5.62 9.44
CA TRP A 36 -16.41 -6.07 8.43
C TRP A 36 -16.49 -5.11 7.26
N VAL A 37 -15.32 -4.68 6.80
CA VAL A 37 -15.11 -3.63 5.80
C VAL A 37 -14.22 -4.19 4.68
N LYS A 38 -14.52 -3.83 3.45
CA LYS A 38 -13.76 -4.30 2.27
C LYS A 38 -12.99 -3.13 1.67
N GLN A 39 -11.74 -3.35 1.31
CA GLN A 39 -10.94 -2.31 0.65
C GLN A 39 -10.20 -2.91 -0.54
N ARG A 40 -10.69 -2.60 -1.74
CA ARG A 40 -10.03 -3.01 -2.99
C ARG A 40 -8.78 -2.15 -3.16
N PRO A 41 -7.72 -2.66 -3.81
CA PRO A 41 -6.44 -1.98 -3.98
C PRO A 41 -6.27 -0.47 -4.17
N GLY A 42 -7.03 0.19 -5.03
CA GLY A 42 -6.78 1.63 -5.13
C GLY A 42 -7.96 2.37 -4.53
N GLN A 43 -8.98 1.62 -4.11
CA GLN A 43 -10.33 2.12 -3.71
C GLN A 43 -10.55 2.50 -2.25
N GLY A 44 -11.78 2.93 -1.97
CA GLY A 44 -12.24 3.35 -0.64
C GLY A 44 -12.78 2.19 0.16
N LEU A 45 -13.45 2.47 1.26
CA LEU A 45 -13.96 1.47 2.22
C LEU A 45 -15.36 1.08 1.75
N GLU A 46 -15.68 -0.20 1.83
CA GLU A 46 -17.05 -0.67 1.58
C GLU A 46 -17.49 -1.45 2.81
N TRP A 47 -18.57 -1.02 3.43
CA TRP A 47 -19.13 -1.71 4.62
C TRP A 47 -19.75 -3.04 4.18
N ILE A 48 -19.41 -4.16 4.83
CA ILE A 48 -19.94 -5.49 4.47
C ILE A 48 -21.13 -5.80 5.36
N GLY A 49 -20.97 -5.67 6.69
CA GLY A 49 -22.03 -6.02 7.64
C GLY A 49 -21.52 -6.14 9.06
N VAL A 50 -22.40 -6.56 9.95
CA VAL A 50 -22.17 -6.55 11.41
C VAL A 50 -22.77 -7.82 12.01
N ILE A 51 -22.06 -8.36 13.00
CA ILE A 51 -22.56 -9.49 13.81
C ILE A 51 -22.52 -9.01 15.26
N ASN A 52 -23.61 -9.26 15.95
CA ASN A 52 -23.72 -9.04 17.41
C ASN A 52 -23.40 -10.39 18.04
N PRO A 53 -22.19 -10.57 18.63
CA PRO A 53 -21.81 -11.86 19.19
C PRO A 53 -22.71 -12.30 20.33
N GLY A 54 -23.28 -11.36 21.08
CA GLY A 54 -24.12 -11.62 22.26
C GLY A 54 -25.49 -12.16 21.88
N SER A 55 -25.97 -11.79 20.70
CA SER A 55 -27.33 -12.12 20.19
C SER A 55 -27.23 -13.08 19.01
N GLY A 56 -26.11 -13.04 18.27
CA GLY A 56 -25.93 -13.76 16.99
C GLY A 56 -26.66 -13.09 15.84
N GLY A 57 -27.34 -11.96 16.08
CA GLY A 57 -28.05 -11.20 15.03
C GLY A 57 -27.07 -10.57 14.06
N THR A 58 -27.38 -10.54 12.76
CA THR A 58 -26.52 -9.96 11.71
C THR A 58 -27.28 -8.89 10.91
N ASN A 59 -26.54 -7.96 10.33
CA ASN A 59 -27.06 -6.99 9.34
C ASN A 59 -26.00 -6.92 8.26
N TYR A 60 -26.42 -7.00 7.01
CA TYR A 60 -25.56 -7.02 5.81
C TYR A 60 -25.90 -5.83 4.92
N ASN A 61 -24.86 -5.22 4.33
CA ASN A 61 -24.94 -4.44 3.08
C ASN A 61 -25.61 -5.34 2.01
N GLU A 62 -26.69 -4.87 1.40
CA GLU A 62 -27.45 -5.61 0.37
C GLU A 62 -26.47 -6.26 -0.63
N LYS A 63 -25.53 -5.47 -1.13
CA LYS A 63 -24.51 -5.84 -2.15
C LYS A 63 -23.79 -7.15 -1.79
N PHE A 64 -23.71 -7.57 -0.51
CA PHE A 64 -22.92 -8.73 -0.05
C PHE A 64 -23.81 -9.89 0.42
N LYS A 65 -25.13 -9.70 0.41
CA LYS A 65 -26.02 -10.83 0.81
C LYS A 65 -25.78 -11.94 -0.21
N GLY A 66 -25.49 -13.14 0.27
CA GLY A 66 -25.19 -14.24 -0.66
C GLY A 66 -23.71 -14.34 -1.02
N LYS A 67 -22.91 -13.35 -0.60
CA LYS A 67 -21.46 -13.35 -0.83
C LYS A 67 -20.75 -13.59 0.51
N ALA A 68 -21.10 -12.81 1.53
CA ALA A 68 -20.46 -12.84 2.87
C ALA A 68 -21.40 -13.50 3.88
N THR A 69 -20.86 -14.36 4.75
CA THR A 69 -21.56 -14.86 5.95
C THR A 69 -20.74 -14.50 7.18
N LEU A 70 -21.39 -13.86 8.16
CA LEU A 70 -20.75 -13.48 9.45
C LEU A 70 -21.22 -14.48 10.52
N ILE A 71 -20.25 -15.02 11.25
CA ILE A 71 -20.42 -15.98 12.38
C ILE A 71 -19.55 -15.44 13.53
N ALA A 72 -19.91 -15.72 14.78
CA ALA A 72 -19.01 -15.42 15.92
C ALA A 72 -19.13 -16.54 16.95
N ASP A 73 -18.02 -16.82 17.61
CA ASP A 73 -17.92 -17.87 18.66
C ASP A 73 -17.54 -17.18 19.97
N LYS A 74 -18.50 -17.09 20.89
CA LYS A 74 -18.32 -16.41 22.20
C LYS A 74 -17.26 -17.15 23.02
N SER A 75 -17.17 -18.49 22.94
CA SER A 75 -16.25 -19.31 23.77
C SER A 75 -14.79 -18.99 23.45
N SER A 76 -14.49 -18.57 22.21
CA SER A 76 -13.12 -18.24 21.72
C SER A 76 -12.91 -16.74 21.49
N SER A 77 -13.92 -15.90 21.76
CA SER A 77 -13.95 -14.45 21.41
C SER A 77 -13.47 -14.25 19.96
N THR A 78 -13.96 -15.06 19.03
CA THR A 78 -13.53 -14.96 17.61
C THR A 78 -14.75 -14.73 16.70
N ALA A 79 -14.65 -13.74 15.83
CA ALA A 79 -15.60 -13.51 14.72
C ALA A 79 -14.99 -14.06 13.42
N TYR A 80 -15.85 -14.49 12.50
CA TYR A 80 -15.46 -15.04 11.18
C TYR A 80 -16.37 -14.48 10.08
N MET A 81 -15.79 -14.30 8.90
CA MET A 81 -16.51 -14.01 7.62
C MET A 81 -16.12 -15.08 6.60
N GLN A 82 -17.07 -15.90 6.11
CA GLN A 82 -16.85 -16.80 4.93
C GLN A 82 -17.24 -15.95 3.70
N LEU A 83 -16.32 -15.83 2.73
CA LEU A 83 -16.60 -15.33 1.36
C LEU A 83 -16.70 -16.54 0.42
N SER A 84 -17.80 -16.65 -0.33
CA SER A 84 -18.09 -17.81 -1.21
C SER A 84 -18.00 -17.38 -2.68
N SER A 85 -18.05 -18.36 -3.59
CA SER A 85 -18.16 -18.16 -5.06
C SER A 85 -17.18 -17.08 -5.52
N LEU A 86 -15.92 -17.14 -5.07
CA LEU A 86 -14.94 -16.03 -5.17
C LEU A 86 -14.65 -15.71 -6.64
N THR A 87 -14.55 -14.43 -6.96
CA THR A 87 -14.07 -13.95 -8.28
C THR A 87 -12.99 -12.90 -8.06
N SER A 88 -12.47 -12.39 -9.18
CA SER A 88 -11.45 -11.31 -9.27
C SER A 88 -11.92 -10.09 -8.45
N ASP A 89 -13.24 -9.86 -8.43
CA ASP A 89 -13.85 -8.66 -7.83
C ASP A 89 -13.75 -8.74 -6.29
N ASP A 90 -13.55 -9.95 -5.73
CA ASP A 90 -13.45 -10.20 -4.26
C ASP A 90 -12.02 -10.04 -3.75
N SER A 91 -11.05 -9.81 -4.65
CA SER A 91 -9.64 -9.49 -4.29
C SER A 91 -9.60 -8.14 -3.58
N ALA A 92 -9.12 -8.11 -2.34
CA ALA A 92 -9.26 -6.94 -1.44
C ALA A 92 -8.55 -7.23 -0.11
N VAL A 93 -8.27 -6.19 0.67
CA VAL A 93 -8.00 -6.29 2.14
C VAL A 93 -9.34 -6.24 2.89
N TYR A 94 -9.55 -7.17 3.82
CA TYR A 94 -10.77 -7.25 4.66
C TYR A 94 -10.37 -6.93 6.10
N PHE A 95 -11.02 -5.91 6.67
CA PHE A 95 -10.86 -5.51 8.10
C PHE A 95 -12.07 -5.94 8.91
N CYS A 96 -11.81 -6.41 10.13
CA CYS A 96 -12.82 -6.45 11.20
C CYS A 96 -12.60 -5.20 12.07
N ALA A 97 -13.66 -4.80 12.77
CA ALA A 97 -13.58 -3.65 13.67
C ALA A 97 -14.65 -3.80 14.75
N ARG A 98 -14.35 -3.24 15.90
CA ARG A 98 -15.27 -3.20 17.05
C ARG A 98 -16.16 -1.96 16.87
N SER A 99 -17.42 -2.11 17.20
CA SER A 99 -18.41 -1.02 17.27
C SER A 99 -19.30 -1.32 18.48
N THR A 100 -20.19 -0.40 18.83
CA THR A 100 -21.11 -0.57 19.97
C THR A 100 -22.46 -0.97 19.39
N TYR A 101 -23.41 -1.39 20.22
CA TYR A 101 -24.75 -1.79 19.77
C TYR A 101 -25.52 -0.59 19.20
N TYR A 102 -25.23 0.63 19.66
CA TYR A 102 -26.11 1.81 19.48
C TYR A 102 -25.41 3.04 18.89
N SER A 103 -24.16 2.93 18.46
CA SER A 103 -23.39 4.03 17.83
C SER A 103 -22.71 3.56 16.55
N GLY A 104 -22.28 4.48 15.67
CA GLY A 104 -21.67 4.12 14.39
C GLY A 104 -20.18 3.87 14.49
N ALA A 105 -19.50 4.38 15.52
CA ALA A 105 -18.01 4.44 15.55
C ALA A 105 -17.45 3.01 15.49
N LEU A 106 -16.63 2.72 14.47
CA LEU A 106 -15.72 1.56 14.46
C LEU A 106 -14.44 2.00 15.19
N ASP A 107 -14.34 1.77 16.50
CA ASP A 107 -13.37 2.51 17.33
C ASP A 107 -12.01 1.80 17.33
N TYR A 108 -12.01 0.48 17.16
CA TYR A 108 -10.77 -0.31 16.99
C TYR A 108 -10.90 -1.23 15.78
N TRP A 109 -9.79 -1.33 15.06
CA TRP A 109 -9.71 -2.07 13.78
C TRP A 109 -8.69 -3.22 13.83
N GLY A 110 -8.96 -4.30 13.11
CA GLY A 110 -7.97 -5.37 12.88
C GLY A 110 -6.87 -4.84 11.99
N GLN A 111 -5.81 -5.62 11.84
CA GLN A 111 -4.66 -5.28 10.97
C GLN A 111 -5.07 -5.47 9.50
N GLY A 112 -6.11 -6.29 9.23
CA GLY A 112 -6.56 -6.58 7.85
C GLY A 112 -6.01 -7.90 7.36
N THR A 113 -6.76 -8.53 6.47
CA THR A 113 -6.42 -9.83 5.84
C THR A 113 -6.51 -9.63 4.32
N SER A 114 -5.39 -9.75 3.61
CA SER A 114 -5.32 -9.65 2.13
C SER A 114 -5.87 -10.96 1.55
N VAL A 115 -6.98 -10.88 0.82
CA VAL A 115 -7.53 -12.02 0.03
C VAL A 115 -7.23 -11.74 -1.43
N THR A 116 -6.43 -12.59 -2.07
CA THR A 116 -6.09 -12.52 -3.52
C THR A 116 -6.74 -13.72 -4.21
N VAL A 117 -7.71 -13.45 -5.11
CA VAL A 117 -8.37 -14.48 -5.94
C VAL A 117 -7.69 -14.43 -7.30
N SER A 118 -7.00 -15.51 -7.67
CA SER A 118 -6.05 -15.52 -8.81
C SER A 118 -5.78 -16.95 -9.26
N SER A 119 -5.45 -17.06 -10.54
CA SER A 119 -5.08 -18.34 -11.20
C SER A 119 -3.57 -18.39 -11.42
N ALA A 120 -2.84 -17.35 -11.01
CA ALA A 120 -1.37 -17.27 -11.14
C ALA A 120 -0.68 -18.59 -10.74
N LYS A 121 0.31 -19.01 -11.51
CA LYS A 121 1.04 -20.27 -11.23
C LYS A 121 2.44 -20.03 -10.64
N THR A 122 2.92 -20.95 -9.83
CA THR A 122 4.26 -20.90 -9.18
C THR A 122 5.31 -20.83 -10.28
N THR A 123 6.20 -19.83 -10.19
CA THR A 123 7.23 -19.54 -11.23
C THR A 123 8.52 -19.16 -10.50
N ALA A 124 9.59 -19.91 -10.78
CA ALA A 124 10.96 -19.66 -10.29
C ALA A 124 11.46 -18.42 -11.01
N PRO A 125 12.17 -17.50 -10.33
CA PRO A 125 12.71 -16.33 -11.01
C PRO A 125 13.87 -16.65 -11.97
N SER A 126 14.04 -15.81 -12.99
CA SER A 126 15.27 -15.57 -13.75
C SER A 126 16.10 -14.53 -13.01
N VAL A 127 17.31 -14.88 -12.63
CA VAL A 127 18.18 -13.91 -11.90
C VAL A 127 19.25 -13.45 -12.88
N TYR A 128 19.48 -12.15 -12.95
CA TYR A 128 20.53 -11.55 -13.80
C TYR A 128 21.41 -10.68 -12.93
N PRO A 129 22.73 -10.77 -13.18
CA PRO A 129 23.73 -9.90 -12.58
C PRO A 129 23.63 -8.53 -13.22
N LEU A 130 23.78 -7.47 -12.42
CA LEU A 130 23.73 -6.08 -12.95
C LEU A 130 25.06 -5.39 -12.63
N ALA A 131 25.88 -5.22 -13.64
CA ALA A 131 27.13 -4.44 -13.50
C ALA A 131 26.84 -3.08 -14.11
N PRO A 132 27.59 -2.04 -13.72
CA PRO A 132 27.42 -0.73 -14.35
C PRO A 132 27.88 -0.68 -15.83
N VAL A 133 27.34 0.24 -16.64
CA VAL A 133 28.02 0.63 -17.91
C VAL A 133 29.36 1.23 -17.47
N CYS A 134 30.32 1.33 -18.39
CA CYS A 134 31.70 1.83 -18.09
C CYS A 134 31.62 3.22 -17.43
N GLY A 135 30.60 4.01 -17.76
CA GLY A 135 30.47 5.39 -17.25
C GLY A 135 30.32 5.45 -15.74
N ASP A 136 29.78 4.39 -15.12
CA ASP A 136 29.47 4.34 -13.67
C ASP A 136 30.54 3.52 -12.92
N THR A 137 31.71 3.38 -13.53
CA THR A 137 32.85 2.58 -13.03
C THR A 137 33.99 3.53 -12.61
N THR A 138 33.79 4.85 -12.74
CA THR A 138 34.84 5.91 -12.57
C THR A 138 34.80 6.53 -11.15
N GLY A 139 33.94 6.03 -10.26
CA GLY A 139 33.69 6.63 -8.92
C GLY A 139 34.59 6.07 -7.84
N SER A 140 34.51 6.61 -6.61
CA SER A 140 35.19 6.07 -5.41
C SER A 140 34.46 4.85 -4.85
N SER A 141 33.14 4.83 -5.04
CA SER A 141 32.26 3.69 -4.74
C SER A 141 31.79 3.08 -6.05
N VAL A 142 31.34 1.84 -6.00
CA VAL A 142 30.75 1.20 -7.21
C VAL A 142 29.52 0.43 -6.74
N THR A 143 28.44 0.44 -7.53
CA THR A 143 27.13 -0.17 -7.17
C THR A 143 26.82 -1.25 -8.18
N LEU A 144 26.62 -2.48 -7.67
CA LEU A 144 26.28 -3.70 -8.44
C LEU A 144 24.83 -4.01 -8.09
N GLY A 145 24.19 -4.82 -8.91
CA GLY A 145 22.79 -5.17 -8.69
C GLY A 145 22.49 -6.59 -9.06
N CYS A 146 21.28 -6.97 -8.73
CA CYS A 146 20.73 -8.29 -9.03
C CYS A 146 19.29 -8.07 -9.47
N LEU A 147 18.91 -8.53 -10.65
CA LEU A 147 17.52 -8.46 -11.17
C LEU A 147 16.90 -9.84 -10.99
N VAL A 148 15.81 -9.89 -10.24
CA VAL A 148 15.04 -11.14 -9.94
C VAL A 148 13.73 -10.98 -10.69
N LYS A 149 13.67 -11.59 -11.88
CA LYS A 149 12.61 -11.31 -12.87
C LYS A 149 11.61 -12.48 -12.95
N GLY A 150 10.32 -12.17 -12.87
CA GLY A 150 9.19 -13.06 -13.26
C GLY A 150 9.02 -14.24 -12.32
N TYR A 151 8.79 -13.99 -11.03
CA TYR A 151 8.54 -15.07 -10.06
C TYR A 151 7.11 -14.91 -9.52
N PHE A 152 6.64 -16.03 -8.93
CA PHE A 152 5.35 -16.15 -8.22
C PHE A 152 5.36 -17.42 -7.38
N PRO A 153 4.89 -17.37 -6.12
CA PRO A 153 4.49 -16.11 -5.45
C PRO A 153 5.65 -15.43 -4.70
N GLU A 154 5.37 -14.37 -3.94
CA GLU A 154 6.28 -13.85 -2.89
C GLU A 154 6.47 -14.88 -1.80
N PRO A 155 7.55 -14.86 -1.01
CA PRO A 155 8.70 -13.97 -1.19
C PRO A 155 9.86 -14.61 -1.97
N VAL A 156 10.91 -13.83 -2.25
CA VAL A 156 12.29 -14.33 -2.42
C VAL A 156 13.15 -13.81 -1.27
N THR A 157 14.21 -14.51 -0.91
CA THR A 157 15.23 -14.02 0.02
C THR A 157 16.48 -13.71 -0.79
N LEU A 158 17.04 -12.53 -0.59
CA LEU A 158 18.27 -12.13 -1.31
C LEU A 158 19.34 -11.66 -0.32
N THR A 159 20.52 -12.23 -0.47
CA THR A 159 21.73 -11.92 0.32
C THR A 159 22.82 -11.59 -0.68
N TRP A 160 23.89 -11.01 -0.18
CA TRP A 160 25.11 -10.73 -0.96
C TRP A 160 26.27 -11.45 -0.28
N ASN A 161 27.04 -12.20 -1.05
CA ASN A 161 28.22 -12.95 -0.53
C ASN A 161 27.77 -13.75 0.71
N SER A 162 26.65 -14.46 0.58
CA SER A 162 26.05 -15.34 1.61
C SER A 162 25.81 -14.56 2.91
N GLY A 163 25.58 -13.26 2.81
CA GLY A 163 25.33 -12.39 3.97
C GLY A 163 26.55 -11.67 4.47
N SER A 164 27.72 -11.93 3.89
CA SER A 164 29.00 -11.30 4.29
C SER A 164 28.97 -9.82 3.90
N LEU A 165 28.19 -9.47 2.86
CA LEU A 165 27.93 -8.08 2.44
C LEU A 165 26.56 -7.69 2.94
N SER A 166 26.50 -6.88 4.00
CA SER A 166 25.26 -6.57 4.74
C SER A 166 24.97 -5.07 4.69
N SER A 167 25.95 -4.23 4.94
CA SER A 167 25.76 -2.76 4.87
C SER A 167 26.04 -2.32 3.43
N GLY A 168 25.42 -1.22 3.01
CA GLY A 168 25.45 -0.74 1.62
C GLY A 168 24.56 -1.57 0.69
N VAL A 169 23.71 -2.43 1.24
CA VAL A 169 22.73 -3.25 0.49
C VAL A 169 21.36 -2.56 0.58
N HIS A 170 20.72 -2.37 -0.56
CA HIS A 170 19.32 -1.89 -0.70
C HIS A 170 18.53 -2.92 -1.51
N THR A 171 17.55 -3.55 -0.88
CA THR A 171 16.68 -4.57 -1.55
C THR A 171 15.31 -3.94 -1.66
N PHE A 172 14.84 -3.79 -2.89
CA PHE A 172 13.59 -3.07 -3.25
C PHE A 172 12.41 -4.06 -3.25
N PRO A 173 11.26 -3.71 -2.62
CA PRO A 173 10.05 -4.53 -2.76
C PRO A 173 9.68 -4.66 -4.24
N ALA A 174 9.09 -5.80 -4.56
CA ALA A 174 8.75 -6.27 -5.91
C ALA A 174 7.65 -5.44 -6.55
N VAL A 175 7.70 -5.32 -7.87
CA VAL A 175 6.58 -4.82 -8.73
C VAL A 175 5.86 -6.06 -9.24
N LEU A 176 4.55 -5.97 -9.41
CA LEU A 176 3.70 -7.07 -9.93
C LEU A 176 3.17 -6.63 -11.29
N GLN A 177 3.42 -7.42 -12.33
CA GLN A 177 2.89 -7.19 -13.69
C GLN A 177 2.35 -8.51 -14.23
N SER A 178 1.05 -8.59 -14.48
CA SER A 178 0.40 -9.76 -15.11
C SER A 178 0.88 -11.02 -14.40
N ASP A 179 0.66 -11.05 -13.09
CA ASP A 179 0.84 -12.26 -12.24
C ASP A 179 2.30 -12.71 -12.21
N LEU A 180 3.29 -11.82 -12.45
CA LEU A 180 4.70 -12.15 -12.12
C LEU A 180 5.32 -10.97 -11.36
N TYR A 181 6.01 -11.26 -10.28
CA TYR A 181 6.80 -10.25 -9.50
C TYR A 181 8.19 -10.09 -10.13
N THR A 182 8.72 -8.88 -10.03
CA THR A 182 10.12 -8.53 -10.38
C THR A 182 10.69 -7.67 -9.26
N LEU A 183 11.92 -7.93 -8.82
CA LEU A 183 12.58 -7.01 -7.86
C LEU A 183 14.05 -6.90 -8.21
N SER A 184 14.66 -5.89 -7.62
CA SER A 184 16.12 -5.70 -7.74
C SER A 184 16.70 -5.33 -6.38
N SER A 185 17.96 -5.69 -6.18
CA SER A 185 18.78 -5.37 -5.00
C SER A 185 20.05 -4.73 -5.52
N SER A 186 20.58 -3.76 -4.79
CA SER A 186 21.89 -3.16 -5.06
C SER A 186 22.79 -3.31 -3.85
N VAL A 187 24.07 -3.35 -4.13
CA VAL A 187 25.11 -3.33 -3.10
C VAL A 187 26.15 -2.32 -3.57
N THR A 188 26.57 -1.49 -2.65
CA THR A 188 27.56 -0.45 -2.95
C THR A 188 28.83 -0.77 -2.16
N VAL A 189 29.98 -0.85 -2.84
CA VAL A 189 31.27 -1.15 -2.18
C VAL A 189 32.29 -0.12 -2.66
N THR A 190 33.46 -0.13 -2.02
CA THR A 190 34.56 0.74 -2.50
C THR A 190 35.05 0.22 -3.85
N SER A 191 35.45 1.13 -4.73
CA SER A 191 35.89 0.78 -6.10
C SER A 191 37.12 -0.12 -6.04
N SER A 192 37.86 -0.08 -4.93
CA SER A 192 39.04 -0.94 -4.68
C SER A 192 38.63 -2.38 -4.34
N THR A 193 37.35 -2.62 -4.00
CA THR A 193 36.80 -3.95 -3.57
C THR A 193 36.43 -4.80 -4.77
N TRP A 194 35.90 -4.19 -5.83
CA TRP A 194 35.34 -4.91 -7.00
C TRP A 194 35.80 -4.25 -8.28
N PRO A 195 36.18 -5.01 -9.31
CA PRO A 195 36.05 -6.48 -9.32
C PRO A 195 37.18 -7.36 -8.77
N SER A 196 38.11 -6.78 -8.01
CA SER A 196 39.27 -7.52 -7.45
C SER A 196 38.78 -8.59 -6.49
N GLN A 197 37.74 -8.30 -5.72
CA GLN A 197 37.11 -9.30 -4.85
C GLN A 197 35.79 -9.73 -5.51
N SER A 198 35.45 -11.00 -5.39
CA SER A 198 34.20 -11.60 -5.90
C SER A 198 32.96 -11.05 -5.15
N ILE A 199 31.92 -10.68 -5.91
CA ILE A 199 30.59 -10.33 -5.39
C ILE A 199 29.52 -11.16 -6.10
N THR A 200 28.70 -11.85 -5.31
CA THR A 200 27.63 -12.74 -5.79
C THR A 200 26.32 -12.38 -5.10
N CYS A 201 25.20 -12.36 -5.83
CA CYS A 201 23.89 -12.27 -5.15
C CYS A 201 23.33 -13.67 -5.06
N ASN A 202 22.71 -13.94 -3.93
CA ASN A 202 22.17 -15.29 -3.59
C ASN A 202 20.66 -15.13 -3.49
N VAL A 203 19.91 -15.72 -4.41
CA VAL A 203 18.44 -15.58 -4.48
C VAL A 203 17.78 -16.95 -4.25
N ALA A 204 17.01 -17.05 -3.18
CA ALA A 204 16.21 -18.25 -2.82
C ALA A 204 14.74 -17.96 -3.06
N HIS A 205 14.05 -18.92 -3.66
CA HIS A 205 12.58 -18.87 -3.86
C HIS A 205 11.99 -20.14 -3.24
N PRO A 206 11.66 -20.07 -1.94
CA PRO A 206 11.13 -21.22 -1.20
C PRO A 206 9.95 -21.90 -1.90
N ALA A 207 9.07 -21.15 -2.58
CA ALA A 207 7.85 -21.72 -3.22
C ALA A 207 8.30 -22.74 -4.26
N SER A 208 9.42 -22.48 -4.92
CA SER A 208 9.92 -23.27 -6.08
C SER A 208 11.05 -24.21 -5.65
N SER A 209 11.44 -24.16 -4.37
CA SER A 209 12.61 -24.89 -3.84
C SER A 209 13.84 -24.63 -4.71
N THR A 210 13.98 -23.40 -5.19
CA THR A 210 15.14 -23.03 -6.03
C THR A 210 16.01 -22.04 -5.25
N LYS A 211 17.31 -22.10 -5.55
CA LYS A 211 18.26 -21.04 -5.14
C LYS A 211 19.16 -20.80 -6.35
N VAL A 212 19.47 -19.54 -6.61
CA VAL A 212 20.44 -19.19 -7.67
C VAL A 212 21.45 -18.23 -7.06
N ASP A 213 22.73 -18.48 -7.30
CA ASP A 213 23.81 -17.51 -6.94
C ASP A 213 24.35 -16.94 -8.26
N LYS A 214 24.31 -15.64 -8.48
CA LYS A 214 24.90 -15.02 -9.70
C LYS A 214 26.09 -14.16 -9.32
N LYS A 215 27.25 -14.49 -9.88
CA LYS A 215 28.48 -13.71 -9.78
C LYS A 215 28.37 -12.41 -10.59
N ILE A 216 28.77 -11.29 -10.02
CA ILE A 216 28.72 -10.02 -10.82
C ILE A 216 30.07 -9.89 -11.54
N GLU A 217 30.04 -9.93 -12.87
CA GLU A 217 31.26 -9.86 -13.71
C GLU A 217 31.33 -8.49 -14.32
N PRO A 218 32.50 -7.86 -14.49
CA PRO A 218 32.58 -6.63 -15.30
C PRO A 218 31.95 -6.81 -16.69
N GLN B 1 -30.29 6.33 0.02
CA GLN B 1 -30.69 7.72 0.29
C GLN B 1 -29.66 8.35 1.22
N LEU B 2 -29.04 7.55 2.09
CA LEU B 2 -28.00 7.99 3.07
C LEU B 2 -26.69 8.16 2.29
N VAL B 3 -26.25 9.40 2.15
CA VAL B 3 -25.11 9.78 1.28
C VAL B 3 -24.20 10.72 2.04
N LEU B 4 -22.90 10.47 1.96
CA LEU B 4 -21.81 11.34 2.47
C LEU B 4 -21.02 11.81 1.26
N THR B 5 -20.95 13.13 1.07
CA THR B 5 -20.17 13.80 0.00
C THR B 5 -18.95 14.48 0.66
N GLN B 6 -17.73 14.17 0.22
CA GLN B 6 -16.49 14.73 0.86
C GLN B 6 -15.86 15.91 0.08
N SER B 7 -15.33 16.94 0.81
CA SER B 7 -14.40 18.03 0.38
C SER B 7 -13.33 17.47 -0.60
N SER B 8 -13.10 18.18 -1.70
CA SER B 8 -12.07 17.84 -2.73
C SER B 8 -10.69 17.58 -2.09
N SER B 9 -10.02 16.48 -2.44
CA SER B 9 -8.66 16.14 -1.94
C SER B 9 -7.87 17.44 -1.93
N ALA B 10 -7.18 17.75 -0.84
CA ALA B 10 -6.63 19.10 -0.58
C ALA B 10 -5.21 18.98 -0.06
N SER B 11 -4.44 20.05 -0.28
CA SER B 11 -3.03 20.24 0.14
C SER B 11 -2.97 21.34 1.19
N PHE B 12 -2.10 21.20 2.18
CA PHE B 12 -1.91 22.19 3.27
C PHE B 12 -0.42 22.29 3.58
N SER B 13 0.04 23.50 3.84
CA SER B 13 1.43 23.69 4.29
C SER B 13 1.56 23.13 5.70
N LEU B 14 2.74 22.61 6.02
CA LEU B 14 3.06 22.15 7.38
C LEU B 14 2.79 23.30 8.37
N GLY B 15 2.10 23.02 9.46
CA GLY B 15 1.84 24.06 10.47
C GLY B 15 0.62 24.90 10.20
N ALA B 16 -0.03 24.75 9.04
CA ALA B 16 -1.23 25.53 8.67
C ALA B 16 -2.46 24.87 9.30
N SER B 17 -3.61 25.51 9.09
CA SER B 17 -4.93 25.01 9.55
C SER B 17 -5.68 24.36 8.38
N ALA B 18 -6.12 23.13 8.59
CA ALA B 18 -6.91 22.37 7.59
C ALA B 18 -8.35 22.23 8.09
N LYS B 19 -9.33 22.38 7.20
CA LYS B 19 -10.76 22.08 7.48
C LYS B 19 -11.31 21.21 6.35
N LEU B 20 -11.75 19.97 6.66
CA LEU B 20 -12.32 19.04 5.65
C LEU B 20 -13.84 19.09 5.80
N THR B 21 -14.57 18.85 4.73
CA THR B 21 -16.05 18.84 4.79
C THR B 21 -16.57 17.48 4.42
N CYS B 22 -17.49 17.00 5.24
CA CYS B 22 -18.35 15.83 4.95
C CYS B 22 -19.80 16.31 4.97
N THR B 23 -20.50 16.14 3.85
CA THR B 23 -21.88 16.66 3.69
C THR B 23 -22.86 15.52 3.66
N LEU B 24 -23.83 15.57 4.56
CA LEU B 24 -24.90 14.55 4.67
C LEU B 24 -25.97 14.88 3.62
N SER B 25 -26.58 13.85 3.06
CA SER B 25 -27.87 13.93 2.34
C SER B 25 -28.85 14.77 3.18
N SER B 26 -29.54 15.75 2.57
CA SER B 26 -30.24 16.85 3.28
C SER B 26 -31.24 16.32 4.32
N GLN B 27 -32.00 15.27 4.01
CA GLN B 27 -33.03 14.75 4.98
C GLN B 27 -32.35 14.19 6.25
N HIS B 28 -31.06 13.86 6.16
CA HIS B 28 -30.28 13.28 7.28
C HIS B 28 -29.42 14.39 7.90
N SER B 29 -29.82 15.64 7.75
CA SER B 29 -29.13 16.85 8.31
C SER B 29 -28.83 16.75 9.81
N THR B 30 -29.54 15.92 10.57
CA THR B 30 -29.42 15.92 12.05
C THR B 30 -28.40 14.90 12.52
N TYR B 31 -27.81 14.13 11.62
CA TYR B 31 -27.16 12.85 11.96
C TYR B 31 -25.75 13.06 12.56
N THR B 32 -25.36 12.12 13.41
CA THR B 32 -23.98 11.95 13.95
C THR B 32 -23.17 11.17 12.93
N ILE B 33 -21.95 11.65 12.62
CA ILE B 33 -21.00 10.97 11.69
C ILE B 33 -19.77 10.59 12.51
N GLU B 34 -18.94 9.74 11.93
CA GLU B 34 -17.61 9.43 12.44
C GLU B 34 -16.61 9.78 11.35
N TRP B 35 -15.45 10.21 11.80
CA TRP B 35 -14.28 10.48 10.94
C TRP B 35 -13.27 9.36 11.20
N TYR B 36 -12.64 8.92 10.12
CA TYR B 36 -11.54 7.93 10.12
C TYR B 36 -10.35 8.54 9.39
N GLN B 37 -9.17 8.11 9.80
CA GLN B 37 -7.86 8.49 9.23
C GLN B 37 -7.22 7.21 8.70
N GLN B 38 -6.87 7.17 7.42
CA GLN B 38 -6.11 6.01 6.91
C GLN B 38 -4.78 6.51 6.33
N GLN B 39 -3.69 6.25 7.06
CA GLN B 39 -2.30 6.51 6.61
C GLN B 39 -1.92 5.41 5.62
N PRO B 40 -0.94 5.68 4.73
CA PRO B 40 -0.49 4.69 3.74
C PRO B 40 -0.16 3.31 4.35
N LEU B 41 -0.74 2.26 3.77
CA LEU B 41 -0.48 0.82 4.08
C LEU B 41 -0.86 0.46 5.53
N LYS B 42 -1.76 1.22 6.17
CA LYS B 42 -2.21 0.92 7.56
C LYS B 42 -3.72 0.80 7.56
N PRO B 43 -4.30 0.09 8.56
CA PRO B 43 -5.74 0.03 8.75
C PRO B 43 -6.30 1.43 9.01
N PRO B 44 -7.57 1.72 8.71
CA PRO B 44 -8.17 2.96 9.20
C PRO B 44 -8.07 3.10 10.72
N LYS B 45 -7.99 4.34 11.18
CA LYS B 45 -7.99 4.71 12.62
C LYS B 45 -9.23 5.57 12.89
N TYR B 46 -9.95 5.30 13.97
CA TYR B 46 -11.06 6.16 14.45
C TYR B 46 -10.54 7.51 14.97
N VAL B 47 -10.95 8.59 14.33
CA VAL B 47 -10.59 9.98 14.75
C VAL B 47 -11.62 10.52 15.76
N MET B 48 -12.92 10.58 15.39
CA MET B 48 -13.92 11.18 16.30
C MET B 48 -15.35 10.88 15.85
N GLU B 49 -16.26 11.02 16.80
CA GLU B 49 -17.74 11.08 16.61
C GLU B 49 -18.12 12.56 16.60
N LEU B 50 -18.95 13.00 15.66
CA LEU B 50 -19.27 14.42 15.50
C LEU B 50 -20.78 14.59 15.33
N LYS B 51 -21.42 15.32 16.23
CA LYS B 51 -22.90 15.41 16.30
C LYS B 51 -23.37 16.70 15.62
N LYS B 52 -24.69 16.83 15.47
CA LYS B 52 -25.35 17.90 14.70
C LYS B 52 -25.02 19.26 15.32
N ASP B 53 -24.82 19.32 16.63
CA ASP B 53 -24.54 20.58 17.34
C ASP B 53 -23.03 20.87 17.31
N GLY B 54 -22.21 20.01 16.71
CA GLY B 54 -20.76 20.25 16.57
C GLY B 54 -19.96 19.69 17.75
N SER B 55 -20.64 19.12 18.75
CA SER B 55 -19.99 18.39 19.87
C SER B 55 -19.35 17.10 19.32
N HIS B 56 -18.21 16.71 19.87
CA HIS B 56 -17.38 15.59 19.34
C HIS B 56 -16.66 14.88 20.47
N SER B 57 -16.34 13.59 20.27
CA SER B 57 -15.48 12.75 21.14
C SER B 57 -14.39 12.11 20.28
N THR B 58 -13.11 12.31 20.62
CA THR B 58 -11.98 11.80 19.80
C THR B 58 -11.59 10.39 20.25
N GLY B 59 -11.01 9.64 19.33
CA GLY B 59 -10.58 8.25 19.57
C GLY B 59 -9.24 8.21 20.28
N ASP B 60 -8.89 7.01 20.77
CA ASP B 60 -7.60 6.68 21.42
C ASP B 60 -6.49 7.25 20.54
N GLY B 61 -5.58 8.03 21.12
CA GLY B 61 -4.30 8.42 20.50
C GLY B 61 -4.48 9.49 19.42
N ILE B 62 -5.57 10.24 19.45
CA ILE B 62 -5.84 11.40 18.55
C ILE B 62 -5.46 12.68 19.29
N PRO B 63 -4.44 13.40 18.80
CA PRO B 63 -4.03 14.62 19.48
C PRO B 63 -5.12 15.68 19.52
N ASP B 64 -4.98 16.61 20.47
CA ASP B 64 -5.84 17.79 20.70
C ASP B 64 -5.94 18.68 19.47
N ARG B 65 -5.04 18.60 18.50
CA ARG B 65 -5.09 19.52 17.33
C ARG B 65 -6.22 19.10 16.37
N PHE B 66 -6.80 17.92 16.50
CA PHE B 66 -8.04 17.54 15.76
C PHE B 66 -9.28 17.96 16.54
N SER B 67 -10.18 18.73 15.89
CA SER B 67 -11.50 19.13 16.43
C SER B 67 -12.57 18.99 15.35
N GLY B 68 -13.83 19.08 15.73
CA GLY B 68 -14.97 18.95 14.80
C GLY B 68 -15.97 20.05 15.05
N SER B 69 -16.76 20.37 14.03
CA SER B 69 -17.85 21.36 14.07
C SER B 69 -18.88 21.05 12.98
N SER B 70 -20.06 21.68 13.06
CA SER B 70 -21.23 21.38 12.20
C SER B 70 -21.94 22.66 11.76
N SER B 71 -22.62 22.58 10.63
CA SER B 71 -23.50 23.65 10.12
C SER B 71 -24.47 23.01 9.15
N GLY B 72 -25.74 22.95 9.53
CA GLY B 72 -26.74 22.20 8.73
C GLY B 72 -26.24 20.79 8.51
N ALA B 73 -26.24 20.34 7.26
CA ALA B 73 -25.86 18.99 6.80
C ALA B 73 -24.32 18.83 6.74
N ASP B 74 -23.58 19.91 6.96
CA ASP B 74 -22.09 19.93 6.88
C ASP B 74 -21.47 19.46 8.19
N ARG B 75 -20.49 18.57 8.07
CA ARG B 75 -19.69 18.06 9.20
C ARG B 75 -18.22 18.35 8.88
N TYR B 76 -17.53 19.08 9.75
CA TYR B 76 -16.15 19.53 9.49
C TYR B 76 -15.17 18.81 10.42
N LEU B 77 -14.05 18.33 9.84
CA LEU B 77 -12.81 17.95 10.59
C LEU B 77 -11.80 19.08 10.41
N SER B 78 -11.39 19.69 11.52
CA SER B 78 -10.38 20.77 11.58
C SER B 78 -9.10 20.21 12.19
N ILE B 79 -7.96 20.50 11.54
CA ILE B 79 -6.61 20.13 12.03
C ILE B 79 -5.82 21.44 12.11
N SER B 80 -5.49 21.88 13.32
CA SER B 80 -4.57 23.03 13.56
C SER B 80 -3.14 22.49 13.50
N ASN B 81 -2.16 23.34 13.17
CA ASN B 81 -0.72 22.97 13.19
C ASN B 81 -0.51 21.61 12.50
N ILE B 82 -0.95 21.46 11.27
CA ILE B 82 -0.99 20.12 10.61
C ILE B 82 0.45 19.57 10.51
N GLN B 83 0.63 18.29 10.85
CA GLN B 83 1.96 17.64 10.97
C GLN B 83 2.09 16.63 9.82
N PRO B 84 3.32 16.15 9.50
CA PRO B 84 3.50 15.09 8.50
C PRO B 84 2.69 13.82 8.77
N GLU B 85 2.57 13.42 10.05
CA GLU B 85 1.83 12.21 10.46
C GLU B 85 0.35 12.38 10.07
N ASP B 86 -0.09 13.62 9.86
CA ASP B 86 -1.51 13.93 9.55
C ASP B 86 -1.83 13.67 8.07
N GLU B 87 -0.81 13.48 7.23
CA GLU B 87 -1.00 13.06 5.81
C GLU B 87 -1.73 11.73 5.73
N ALA B 88 -2.86 11.69 5.05
CA ALA B 88 -3.69 10.49 5.05
C ALA B 88 -4.94 10.76 4.24
N ILE B 89 -5.71 9.71 4.05
CA ILE B 89 -7.08 9.85 3.52
C ILE B 89 -8.01 9.87 4.73
N TYR B 90 -8.87 10.88 4.79
CA TYR B 90 -9.86 11.08 5.87
C TYR B 90 -11.23 10.72 5.28
N ILE B 91 -11.89 9.78 5.95
CA ILE B 91 -13.13 9.13 5.48
C ILE B 91 -14.20 9.36 6.56
N CYS B 92 -15.38 9.76 6.13
CA CYS B 92 -16.55 9.84 7.04
C CYS B 92 -17.47 8.65 6.83
N GLY B 93 -18.15 8.31 7.91
CA GLY B 93 -19.09 7.20 7.95
C GLY B 93 -20.33 7.64 8.70
N VAL B 94 -21.44 7.02 8.39
CA VAL B 94 -22.73 7.30 9.05
C VAL B 94 -23.56 6.03 9.07
N GLY B 95 -24.16 5.81 10.24
CA GLY B 95 -25.04 4.67 10.51
C GLY B 95 -26.50 5.07 10.60
N ASP B 96 -27.40 4.16 10.23
CA ASP B 96 -28.86 4.35 10.41
C ASP B 96 -29.56 3.01 10.24
N THR B 97 -30.85 3.00 10.55
CA THR B 97 -31.75 1.86 10.28
C THR B 97 -32.57 2.25 9.05
N ILE B 98 -32.40 1.49 7.98
CA ILE B 98 -33.16 1.65 6.71
C ILE B 98 -33.82 0.31 6.40
N LYS B 99 -35.12 0.33 6.14
CA LYS B 99 -35.93 -0.88 5.88
C LYS B 99 -35.62 -1.94 6.94
N GLU B 100 -35.57 -1.51 8.21
CA GLU B 100 -35.49 -2.37 9.42
C GLU B 100 -34.17 -3.16 9.44
N GLN B 101 -33.15 -2.69 8.72
CA GLN B 101 -31.79 -3.22 8.93
C GLN B 101 -30.81 -2.07 9.17
N PHE B 102 -29.79 -2.34 9.97
CA PHE B 102 -28.68 -1.40 10.20
C PHE B 102 -27.87 -1.33 8.92
N VAL B 103 -27.46 -0.12 8.55
CA VAL B 103 -26.52 0.12 7.41
C VAL B 103 -25.50 1.14 7.88
N TYR B 104 -24.26 0.91 7.50
CA TYR B 104 -23.17 1.90 7.66
C TYR B 104 -22.68 2.23 6.27
N VAL B 105 -22.50 3.51 6.00
CA VAL B 105 -22.05 3.93 4.64
C VAL B 105 -20.85 4.82 4.87
N PHE B 106 -19.87 4.72 3.99
CA PHE B 106 -18.65 5.54 4.01
C PHE B 106 -18.78 6.64 2.95
N GLY B 107 -18.20 7.79 3.23
CA GLY B 107 -17.77 8.78 2.21
C GLY B 107 -16.64 8.24 1.32
N GLY B 108 -16.42 8.87 0.16
CA GLY B 108 -15.44 8.41 -0.84
C GLY B 108 -14.01 8.65 -0.37
N GLY B 109 -13.82 9.52 0.65
CA GLY B 109 -12.51 9.86 1.23
C GLY B 109 -11.95 11.15 0.65
N THR B 110 -11.14 11.87 1.43
CA THR B 110 -10.40 13.09 1.01
C THR B 110 -8.92 12.81 1.27
N LYS B 111 -8.09 12.75 0.23
CA LYS B 111 -6.61 12.60 0.38
C LYS B 111 -6.02 13.95 0.81
N VAL B 112 -5.39 13.99 1.98
CA VAL B 112 -4.80 15.23 2.57
C VAL B 112 -3.28 15.10 2.41
N THR B 113 -2.70 16.06 1.70
CA THR B 113 -1.26 16.21 1.40
C THR B 113 -0.72 17.34 2.28
N VAL B 114 0.40 17.12 2.97
CA VAL B 114 1.09 18.13 3.81
C VAL B 114 2.34 18.57 3.04
N LEU B 115 2.30 19.81 2.58
CA LEU B 115 3.36 20.46 1.78
C LEU B 115 4.48 20.94 2.71
N GLY B 116 5.67 21.20 2.17
CA GLY B 116 6.81 21.77 2.91
C GLY B 116 7.35 20.85 4.00
N GLN B 117 7.23 19.54 3.87
CA GLN B 117 7.84 18.64 4.87
C GLN B 117 9.35 18.73 4.74
N PRO B 118 10.11 18.31 5.78
CA PRO B 118 11.56 18.21 5.69
C PRO B 118 11.86 17.34 4.46
N LYS B 119 12.80 17.72 3.63
CA LYS B 119 13.01 17.06 2.32
C LYS B 119 14.36 16.32 2.30
N SER B 120 14.35 15.04 1.89
CA SER B 120 15.57 14.30 1.46
C SER B 120 15.40 13.92 -0.02
N THR B 121 16.32 14.36 -0.87
CA THR B 121 16.17 14.29 -2.34
C THR B 121 16.56 12.89 -2.74
N PRO B 122 15.86 12.26 -3.68
CA PRO B 122 16.22 10.91 -4.10
C PRO B 122 17.61 10.76 -4.71
N THR B 123 18.25 9.63 -4.38
CA THR B 123 19.42 9.00 -5.06
C THR B 123 18.93 8.01 -6.13
N LEU B 124 19.50 8.04 -7.34
CA LEU B 124 19.15 7.07 -8.43
C LEU B 124 20.34 6.16 -8.65
N THR B 125 20.07 4.89 -8.82
CA THR B 125 21.01 3.92 -9.42
C THR B 125 20.32 3.38 -10.67
N VAL B 126 20.96 3.41 -11.83
CA VAL B 126 20.35 2.89 -13.08
C VAL B 126 21.27 1.79 -13.58
N PHE B 127 20.70 0.67 -13.94
CA PHE B 127 21.48 -0.43 -14.51
C PHE B 127 21.02 -0.72 -15.92
N PRO B 128 21.99 -1.04 -16.81
CA PRO B 128 21.72 -1.51 -18.16
C PRO B 128 21.27 -2.97 -18.13
N PRO B 129 20.76 -3.48 -19.26
CA PRO B 129 20.47 -4.91 -19.37
C PRO B 129 21.76 -5.74 -19.29
N SER B 130 21.68 -6.93 -18.69
CA SER B 130 22.83 -7.86 -18.53
C SER B 130 23.13 -8.46 -19.91
N SER B 131 24.37 -8.89 -20.18
CA SER B 131 24.75 -9.65 -21.41
C SER B 131 23.83 -10.85 -21.55
N GLU B 132 23.64 -11.56 -20.45
CA GLU B 132 22.79 -12.77 -20.36
C GLU B 132 21.38 -12.47 -20.82
N GLU B 133 20.71 -11.43 -20.31
CA GLU B 133 19.35 -11.09 -20.78
C GLU B 133 19.39 -10.66 -22.26
N LEU B 134 20.38 -9.88 -22.68
CA LEU B 134 20.45 -9.40 -24.10
C LEU B 134 20.49 -10.62 -25.05
N LYS B 135 21.19 -11.68 -24.63
CA LYS B 135 21.36 -12.94 -25.39
C LYS B 135 20.00 -13.63 -25.55
N GLU B 136 19.04 -13.34 -24.65
CA GLU B 136 17.62 -13.81 -24.73
C GLU B 136 16.78 -12.80 -25.51
N ASN B 137 17.40 -11.82 -26.20
CA ASN B 137 16.72 -10.85 -27.09
C ASN B 137 15.81 -9.92 -26.27
N LYS B 138 16.11 -9.75 -24.99
CA LYS B 138 15.33 -8.90 -24.04
C LYS B 138 16.27 -7.95 -23.30
N ALA B 139 15.72 -6.87 -22.76
CA ALA B 139 16.50 -5.80 -22.12
C ALA B 139 15.62 -5.07 -21.12
N THR B 140 15.85 -5.34 -19.83
CA THR B 140 15.17 -4.64 -18.72
C THR B 140 16.16 -3.59 -18.20
N LEU B 141 15.78 -2.31 -18.25
CA LEU B 141 16.54 -1.22 -17.57
C LEU B 141 15.93 -1.07 -16.18
N VAL B 142 16.77 -0.84 -15.18
CA VAL B 142 16.36 -0.83 -13.76
C VAL B 142 16.72 0.55 -13.21
N CYS B 143 15.77 1.18 -12.56
CA CYS B 143 15.99 2.48 -11.87
C CYS B 143 15.61 2.29 -10.41
N LEU B 144 16.60 2.37 -9.52
CA LEU B 144 16.42 2.16 -8.09
C LEU B 144 16.52 3.56 -7.43
N ILE B 145 15.48 3.89 -6.73
CA ILE B 145 15.24 5.24 -6.13
C ILE B 145 15.30 5.13 -4.60
N SER B 146 16.23 5.79 -3.94
CA SER B 146 16.40 5.64 -2.49
C SER B 146 16.64 6.99 -1.80
N ASN B 147 16.65 6.91 -0.47
CA ASN B 147 17.09 7.99 0.46
C ASN B 147 16.17 9.20 0.34
N PHE B 148 14.90 9.05 -0.09
CA PHE B 148 13.99 10.21 -0.24
C PHE B 148 12.93 10.25 0.85
N SER B 149 12.46 11.46 1.15
CA SER B 149 11.39 11.73 2.13
C SER B 149 10.92 13.16 1.90
N PRO B 150 9.60 13.46 1.88
CA PRO B 150 8.53 12.46 2.00
C PRO B 150 8.37 11.50 0.79
N SER B 151 7.34 10.63 0.78
CA SER B 151 7.31 9.43 -0.11
C SER B 151 6.87 9.73 -1.54
N GLY B 152 6.23 10.88 -1.81
CA GLY B 152 5.66 11.17 -3.14
C GLY B 152 6.73 11.37 -4.21
N VAL B 153 6.83 10.46 -5.19
CA VAL B 153 7.69 10.60 -6.39
C VAL B 153 6.86 10.27 -7.64
N THR B 154 7.32 10.72 -8.80
CA THR B 154 6.87 10.18 -10.10
C THR B 154 8.11 9.73 -10.86
N VAL B 155 7.95 8.77 -11.76
CA VAL B 155 9.05 8.23 -12.59
C VAL B 155 8.63 8.29 -14.05
N ALA B 156 9.52 8.82 -14.88
CA ALA B 156 9.43 8.93 -16.33
C ALA B 156 10.72 8.38 -16.91
N TRP B 157 10.57 7.50 -17.88
CA TRP B 157 11.67 7.01 -18.70
C TRP B 157 11.68 7.78 -20.00
N LYS B 158 12.88 8.10 -20.46
CA LYS B 158 13.10 8.74 -21.78
C LYS B 158 13.96 7.83 -22.63
N ALA B 159 13.75 7.91 -23.95
CA ALA B 159 14.55 7.28 -25.02
C ALA B 159 15.01 8.37 -25.96
N ASN B 160 16.32 8.63 -26.06
CA ASN B 160 16.87 9.77 -26.82
C ASN B 160 16.11 11.03 -26.38
N GLY B 161 15.84 11.19 -25.08
CA GLY B 161 15.24 12.41 -24.49
C GLY B 161 13.74 12.51 -24.71
N THR B 162 13.09 11.53 -25.33
CA THR B 162 11.63 11.57 -25.57
C THR B 162 10.94 10.48 -24.77
N PRO B 163 9.65 10.67 -24.45
CA PRO B 163 8.90 9.75 -23.61
C PRO B 163 8.85 8.32 -24.14
N ILE B 164 9.07 7.37 -23.23
CA ILE B 164 8.80 5.92 -23.44
C ILE B 164 7.95 5.46 -22.25
N THR B 165 6.69 5.11 -22.56
CA THR B 165 5.56 4.89 -21.62
C THR B 165 5.21 3.40 -21.55
N GLN B 166 5.43 2.69 -22.64
CA GLN B 166 5.06 1.26 -22.80
C GLN B 166 6.10 0.40 -22.07
N GLY B 167 5.67 -0.63 -21.36
CA GLY B 167 6.61 -1.62 -20.80
C GLY B 167 7.30 -1.15 -19.51
N VAL B 168 6.73 -0.17 -18.84
CA VAL B 168 7.27 0.35 -17.56
C VAL B 168 6.42 -0.17 -16.41
N ASP B 169 7.07 -0.72 -15.39
CA ASP B 169 6.43 -1.07 -14.11
C ASP B 169 7.15 -0.29 -13.02
N THR B 170 6.40 0.52 -12.27
CA THR B 170 6.97 1.40 -11.21
C THR B 170 6.26 1.02 -9.93
N SER B 171 7.01 0.79 -8.85
CA SER B 171 6.47 0.45 -7.51
C SER B 171 5.91 1.68 -6.80
N ASN B 172 5.01 1.43 -5.86
CA ASN B 172 4.68 2.35 -4.73
C ASN B 172 5.95 2.56 -3.92
N PRO B 173 6.09 3.71 -3.22
CA PRO B 173 7.18 3.88 -2.26
C PRO B 173 6.91 3.07 -0.98
N THR B 174 7.98 2.55 -0.37
CA THR B 174 7.93 1.86 0.93
C THR B 174 9.02 2.38 1.85
N LYS B 175 8.83 2.22 3.17
CA LYS B 175 9.77 2.71 4.21
C LYS B 175 11.10 1.97 4.06
N GLU B 176 12.19 2.70 4.19
CA GLU B 176 13.52 2.13 4.42
C GLU B 176 14.20 3.00 5.46
N GLY B 177 14.36 2.48 6.68
CA GLY B 177 14.77 3.33 7.83
C GLY B 177 13.83 4.52 7.97
N ASN B 178 14.34 5.73 8.04
CA ASN B 178 13.48 6.92 8.21
C ASN B 178 13.18 7.55 6.85
N LYS B 179 13.49 6.86 5.77
CA LYS B 179 13.24 7.39 4.41
C LYS B 179 12.42 6.36 3.62
N PHE B 180 12.35 6.56 2.29
CA PHE B 180 11.53 5.72 1.40
C PHE B 180 12.43 5.21 0.28
N MET B 181 11.91 4.19 -0.41
CA MET B 181 12.57 3.61 -1.59
C MET B 181 11.49 3.22 -2.59
N ALA B 182 11.87 3.15 -3.86
CA ALA B 182 10.98 2.69 -4.96
C ALA B 182 11.84 2.20 -6.10
N SER B 183 11.22 1.48 -7.03
CA SER B 183 11.94 0.90 -8.17
C SER B 183 11.06 1.03 -9.40
N SER B 184 11.73 1.11 -10.53
CA SER B 184 11.07 1.17 -11.84
C SER B 184 11.88 0.32 -12.82
N PHE B 185 11.15 -0.38 -13.68
CA PHE B 185 11.69 -1.33 -14.68
C PHE B 185 11.16 -0.93 -16.05
N LEU B 186 12.03 -0.73 -17.02
CA LEU B 186 11.62 -0.45 -18.41
C LEU B 186 11.96 -1.69 -19.26
N HIS B 187 10.95 -2.35 -19.83
CA HIS B 187 11.14 -3.60 -20.61
C HIS B 187 11.23 -3.25 -22.10
N LEU B 188 12.36 -3.56 -22.73
CA LEU B 188 12.64 -3.30 -24.16
C LEU B 188 13.02 -4.63 -24.83
N THR B 189 13.10 -4.64 -26.16
CA THR B 189 13.84 -5.69 -26.90
C THR B 189 15.32 -5.35 -26.85
N SER B 190 16.19 -6.32 -27.08
CA SER B 190 17.65 -6.09 -27.19
C SER B 190 17.92 -5.09 -28.33
N ASP B 191 17.13 -5.15 -29.40
CA ASP B 191 17.21 -4.23 -30.58
C ASP B 191 16.90 -2.79 -30.16
N GLN B 192 15.87 -2.56 -29.35
CA GLN B 192 15.53 -1.20 -28.83
C GLN B 192 16.69 -0.67 -28.00
N TRP B 193 17.28 -1.51 -27.14
CA TRP B 193 18.42 -1.12 -26.30
C TRP B 193 19.59 -0.66 -27.18
N ARG B 194 19.99 -1.46 -28.17
CA ARG B 194 21.17 -1.14 -29.03
C ARG B 194 20.90 0.07 -29.93
N SER B 195 19.65 0.31 -30.32
CA SER B 195 19.32 1.25 -31.42
C SER B 195 19.15 2.69 -30.91
N HIS B 196 19.23 2.93 -29.60
CA HIS B 196 19.09 4.30 -29.04
C HIS B 196 20.46 4.79 -28.55
N ASN B 197 20.65 6.11 -28.60
CA ASN B 197 21.84 6.82 -28.07
C ASN B 197 21.83 6.77 -26.53
N SER B 198 20.68 7.00 -25.90
CA SER B 198 20.58 7.07 -24.41
C SER B 198 19.17 6.72 -23.96
N PHE B 199 19.07 6.32 -22.69
CA PHE B 199 17.80 6.24 -21.93
C PHE B 199 18.01 6.97 -20.61
N THR B 200 16.93 7.54 -20.10
CA THR B 200 16.89 8.37 -18.88
C THR B 200 15.82 7.87 -17.92
N CYS B 201 16.19 7.77 -16.65
CA CYS B 201 15.26 7.65 -15.55
C CYS B 201 15.17 9.02 -14.92
N GLN B 202 13.97 9.58 -14.91
CA GLN B 202 13.66 10.95 -14.41
C GLN B 202 12.65 10.85 -13.29
N VAL B 203 13.03 11.30 -12.11
CA VAL B 203 12.21 11.20 -10.87
C VAL B 203 11.92 12.63 -10.40
N THR B 204 10.64 12.93 -10.22
CA THR B 204 10.18 14.18 -9.58
C THR B 204 9.93 13.89 -8.11
N HIS B 205 10.27 14.87 -7.28
CA HIS B 205 10.05 14.80 -5.83
C HIS B 205 9.96 16.21 -5.25
N GLU B 206 8.82 16.55 -4.66
CA GLU B 206 8.63 17.84 -3.96
C GLU B 206 9.06 19.03 -4.83
N GLY B 207 8.66 19.09 -6.10
CA GLY B 207 9.05 20.18 -7.03
C GLY B 207 10.45 20.08 -7.61
N ASP B 208 11.29 19.13 -7.18
CA ASP B 208 12.64 18.90 -7.73
C ASP B 208 12.59 17.78 -8.77
N THR B 209 13.61 17.68 -9.60
CA THR B 209 13.76 16.55 -10.55
C THR B 209 15.19 16.04 -10.47
N VAL B 210 15.34 14.72 -10.46
CA VAL B 210 16.68 14.11 -10.56
C VAL B 210 16.61 13.18 -11.77
N GLU B 211 17.61 13.20 -12.65
CA GLU B 211 17.69 12.23 -13.77
C GLU B 211 19.09 11.61 -13.81
N LYS B 212 19.12 10.40 -14.35
CA LYS B 212 20.34 9.63 -14.57
C LYS B 212 20.13 8.97 -15.91
N SER B 213 21.09 9.11 -16.80
CA SER B 213 20.99 8.52 -18.14
C SER B 213 22.03 7.41 -18.26
N LEU B 214 21.78 6.47 -19.15
CA LEU B 214 22.86 5.54 -19.56
C LEU B 214 22.80 5.33 -21.07
N SER B 215 23.95 4.95 -21.62
CA SER B 215 24.18 4.72 -23.07
C SER B 215 24.65 3.29 -23.28
N PRO B 216 24.14 2.62 -24.34
CA PRO B 216 24.74 1.39 -24.84
C PRO B 216 26.16 1.53 -25.42
N ALA B 217 26.61 2.76 -25.73
CA ALA B 217 27.82 3.02 -26.53
C ALA B 217 29.06 2.71 -25.69
N GLU B 218 30.18 2.41 -26.35
CA GLU B 218 31.51 2.16 -25.73
C GLU B 218 32.07 3.49 -25.19
N CYS B 219 32.96 3.45 -24.19
CA CYS B 219 33.50 4.66 -23.49
C CYS B 219 34.78 5.18 -24.17
N LEU B 220 34.80 5.27 -25.50
CA LEU B 220 35.96 5.74 -26.30
C LEU B 220 35.76 7.23 -26.64
N VAL C 1 -35.52 10.48 12.82
CA VAL C 1 -34.21 10.72 13.52
C VAL C 1 -33.38 9.46 13.29
N GLN C 2 -32.08 9.60 13.51
CA GLN C 2 -31.06 8.55 13.35
C GLN C 2 -31.30 7.49 14.41
N ILE C 3 -31.36 6.23 14.03
CA ILE C 3 -31.56 5.10 14.97
C ILE C 3 -30.59 3.99 14.61
N ILE C 4 -29.82 3.58 15.61
CA ILE C 4 -28.81 2.49 15.48
C ILE C 4 -29.09 1.44 16.56
N ASN C 5 -29.37 0.21 16.13
CA ASN C 5 -29.69 -0.95 17.00
C ASN C 5 -29.21 -2.23 16.34
N LYS C 6 -28.03 -2.71 16.74
CA LYS C 6 -27.37 -3.90 16.15
C LYS C 6 -27.41 -5.07 17.14
#